data_2KUX
#
_entry.id   2KUX
#
_entity_poly.entity_id   1
_entity_poly.type   'polypeptide(L)'
_entity_poly.pdbx_seq_one_letter_code
;GTPCGESCVYIPCISGVIGCSCTDKVCYLN
;
_entity_poly.pdbx_strand_id   A
#
# COMPACT_ATOMS: atom_id res chain seq x y z
N GLY A 1 -8.97 2.96 -0.10
CA GLY A 1 -9.46 3.75 1.00
C GLY A 1 -9.04 3.20 2.34
N THR A 2 -9.02 1.87 2.49
CA THR A 2 -8.64 1.28 3.77
C THR A 2 -7.18 0.82 3.77
N PRO A 3 -6.32 1.46 4.58
CA PRO A 3 -4.89 1.10 4.67
C PRO A 3 -4.66 -0.40 4.86
N CYS A 4 -3.81 -0.97 4.02
CA CYS A 4 -3.53 -2.40 4.07
C CYS A 4 -2.38 -2.71 5.04
N GLY A 5 -2.06 -1.75 5.90
CA GLY A 5 -0.98 -1.93 6.86
C GLY A 5 0.34 -2.22 6.17
N GLU A 6 0.52 -1.64 5.00
CA GLU A 6 1.72 -1.84 4.20
C GLU A 6 2.16 -0.49 3.65
N SER A 7 3.46 -0.28 3.53
CA SER A 7 3.99 0.97 3.02
C SER A 7 5.13 0.76 2.05
N CYS A 8 5.29 1.70 1.14
CA CYS A 8 6.35 1.64 0.14
C CYS A 8 7.42 2.70 0.42
N VAL A 9 7.72 2.88 1.70
CA VAL A 9 8.72 3.86 2.13
C VAL A 9 10.13 3.41 1.76
N TYR A 10 10.39 2.13 1.97
CA TYR A 10 11.70 1.56 1.67
C TYR A 10 11.59 0.53 0.54
N ILE A 11 10.63 -0.36 0.67
CA ILE A 11 10.40 -1.40 -0.31
C ILE A 11 8.98 -1.30 -0.86
N PRO A 12 8.75 -1.78 -2.09
CA PRO A 12 7.43 -1.73 -2.71
C PRO A 12 6.45 -2.65 -1.99
N CYS A 13 5.17 -2.32 -2.09
CA CYS A 13 4.12 -3.09 -1.45
C CYS A 13 3.99 -4.47 -2.10
N ILE A 14 4.01 -5.50 -1.27
CA ILE A 14 3.86 -6.87 -1.74
C ILE A 14 2.39 -7.26 -1.74
N SER A 15 1.71 -6.89 -0.65
CA SER A 15 0.28 -7.17 -0.50
C SER A 15 -0.52 -6.26 -1.42
N GLY A 16 0.08 -5.13 -1.78
CA GLY A 16 -0.55 -4.14 -2.63
C GLY A 16 -1.10 -4.70 -3.94
N VAL A 17 -0.62 -5.87 -4.33
CA VAL A 17 -1.05 -6.51 -5.57
C VAL A 17 -2.56 -6.81 -5.55
N ILE A 18 -3.13 -6.83 -4.36
CA ILE A 18 -4.56 -7.11 -4.21
C ILE A 18 -5.42 -5.88 -4.52
N GLY A 19 -4.77 -4.77 -4.83
CA GLY A 19 -5.50 -3.55 -5.13
C GLY A 19 -4.97 -2.37 -4.37
N CYS A 20 -4.26 -2.65 -3.30
CA CYS A 20 -3.69 -1.59 -2.46
C CYS A 20 -2.76 -0.69 -3.27
N SER A 21 -3.08 0.59 -3.27
CA SER A 21 -2.30 1.58 -3.98
C SER A 21 -1.51 2.40 -2.97
N CYS A 22 -0.22 2.59 -3.21
CA CYS A 22 0.59 3.34 -2.28
C CYS A 22 0.31 4.84 -2.37
N THR A 23 -0.33 5.35 -1.34
CA THR A 23 -0.67 6.75 -1.24
C THR A 23 0.19 7.37 -0.15
N ASP A 24 1.01 8.34 -0.55
CA ASP A 24 1.92 9.01 0.36
C ASP A 24 2.77 8.00 1.13
N LYS A 25 3.40 7.12 0.38
CA LYS A 25 4.28 6.08 0.93
C LYS A 25 3.53 4.99 1.71
N VAL A 26 2.21 5.03 1.75
CA VAL A 26 1.44 4.00 2.47
C VAL A 26 0.37 3.40 1.57
N CYS A 27 0.39 2.09 1.41
CA CYS A 27 -0.58 1.42 0.55
C CYS A 27 -1.98 1.32 1.19
N TYR A 28 -2.97 1.83 0.47
CA TYR A 28 -4.36 1.80 0.90
C TYR A 28 -5.17 0.93 -0.03
N LEU A 29 -6.14 0.24 0.52
CA LEU A 29 -7.02 -0.62 -0.25
C LEU A 29 -8.24 0.19 -0.64
N ASN A 30 -8.08 0.97 -1.71
CA ASN A 30 -9.14 1.83 -2.23
C ASN A 30 -9.76 2.68 -1.13
N GLY A 1 -8.95 3.05 -0.42
CA GLY A 1 -9.51 3.88 0.62
C GLY A 1 -9.10 3.46 2.01
N THR A 2 -9.00 2.15 2.26
CA THR A 2 -8.63 1.69 3.60
C THR A 2 -7.20 1.14 3.63
N PRO A 3 -6.31 1.76 4.42
CA PRO A 3 -4.91 1.34 4.53
C PRO A 3 -4.78 -0.15 4.83
N CYS A 4 -3.86 -0.81 4.13
CA CYS A 4 -3.64 -2.24 4.30
C CYS A 4 -2.53 -2.49 5.31
N GLY A 5 -2.08 -1.42 5.95
CA GLY A 5 -1.01 -1.52 6.93
C GLY A 5 0.34 -1.60 6.24
N GLU A 6 0.34 -2.09 5.02
CA GLU A 6 1.56 -2.23 4.23
C GLU A 6 2.01 -0.86 3.75
N SER A 7 3.28 -0.58 3.94
CA SER A 7 3.86 0.70 3.56
C SER A 7 4.86 0.55 2.43
N CYS A 8 5.01 1.62 1.68
CA CYS A 8 5.92 1.69 0.55
C CYS A 8 6.93 2.82 0.75
N VAL A 9 7.45 2.90 1.97
CA VAL A 9 8.41 3.94 2.33
C VAL A 9 9.77 3.71 1.68
N TYR A 10 10.22 2.47 1.74
CA TYR A 10 11.52 2.11 1.16
C TYR A 10 11.35 1.20 -0.04
N ILE A 11 10.55 0.15 0.12
CA ILE A 11 10.30 -0.80 -0.94
C ILE A 11 8.82 -0.83 -1.30
N PRO A 12 8.48 -1.23 -2.53
CA PRO A 12 7.09 -1.31 -2.97
C PRO A 12 6.31 -2.37 -2.22
N CYS A 13 5.01 -2.18 -2.13
CA CYS A 13 4.13 -3.10 -1.44
C CYS A 13 3.97 -4.40 -2.22
N ILE A 14 4.13 -5.53 -1.54
CA ILE A 14 3.98 -6.83 -2.16
C ILE A 14 2.54 -7.30 -2.09
N SER A 15 1.89 -7.02 -0.97
CA SER A 15 0.49 -7.39 -0.77
C SER A 15 -0.41 -6.47 -1.58
N GLY A 16 0.15 -5.32 -1.97
CA GLY A 16 -0.57 -4.32 -2.74
C GLY A 16 -1.23 -4.87 -4.00
N VAL A 17 -0.78 -6.03 -4.45
CA VAL A 17 -1.33 -6.67 -5.64
C VAL A 17 -2.83 -6.93 -5.50
N ILE A 18 -3.30 -6.96 -4.26
CA ILE A 18 -4.72 -7.21 -3.98
C ILE A 18 -5.56 -5.96 -4.21
N GLY A 19 -4.92 -4.86 -4.53
CA GLY A 19 -5.63 -3.62 -4.76
C GLY A 19 -5.00 -2.44 -4.05
N CYS A 20 -4.23 -2.76 -3.02
CA CYS A 20 -3.56 -1.72 -2.23
C CYS A 20 -2.61 -0.91 -3.10
N SER A 21 -2.84 0.39 -3.13
CA SER A 21 -2.03 1.29 -3.92
C SER A 21 -1.15 2.14 -3.02
N CYS A 22 0.08 2.39 -3.45
CA CYS A 22 1.01 3.18 -2.67
C CYS A 22 0.50 4.62 -2.55
N THR A 23 0.14 5.00 -1.33
CA THR A 23 -0.37 6.33 -1.06
C THR A 23 0.49 7.03 -0.02
N ASP A 24 1.37 7.89 -0.49
CA ASP A 24 2.28 8.65 0.36
C ASP A 24 2.98 7.75 1.38
N LYS A 25 3.77 6.81 0.86
CA LYS A 25 4.56 5.86 1.66
C LYS A 25 3.70 4.78 2.32
N VAL A 26 2.37 4.85 2.18
CA VAL A 26 1.51 3.84 2.79
C VAL A 26 0.50 3.31 1.78
N CYS A 27 0.42 2.00 1.62
CA CYS A 27 -0.50 1.42 0.66
C CYS A 27 -1.92 1.33 1.22
N TYR A 28 -2.88 1.86 0.46
CA TYR A 28 -4.28 1.86 0.83
C TYR A 28 -5.07 0.96 -0.11
N LEU A 29 -6.06 0.31 0.45
CA LEU A 29 -6.94 -0.57 -0.30
C LEU A 29 -8.15 0.21 -0.75
N ASN A 30 -7.98 0.91 -1.87
CA ASN A 30 -9.03 1.74 -2.46
C ASN A 30 -9.71 2.63 -1.42
N GLY A 1 -8.53 2.99 -0.53
CA GLY A 1 -8.96 3.90 0.50
C GLY A 1 -8.71 3.37 1.90
N THR A 2 -8.80 2.06 2.08
CA THR A 2 -8.59 1.46 3.40
C THR A 2 -7.15 0.96 3.55
N PRO A 3 -6.33 1.63 4.39
CA PRO A 3 -4.93 1.24 4.61
C PRO A 3 -4.77 -0.25 4.89
N CYS A 4 -3.81 -0.87 4.21
CA CYS A 4 -3.57 -2.29 4.38
C CYS A 4 -2.50 -2.50 5.44
N GLY A 5 -2.07 -1.40 6.04
CA GLY A 5 -1.02 -1.46 7.04
C GLY A 5 0.34 -1.55 6.40
N GLU A 6 0.37 -2.10 5.20
CA GLU A 6 1.60 -2.25 4.45
C GLU A 6 1.98 -0.91 3.84
N SER A 7 3.24 -0.56 3.96
CA SER A 7 3.73 0.71 3.46
C SER A 7 4.91 0.54 2.53
N CYS A 8 4.98 1.41 1.55
CA CYS A 8 6.05 1.41 0.56
C CYS A 8 6.96 2.62 0.76
N VAL A 9 7.37 2.83 2.01
CA VAL A 9 8.23 3.95 2.35
C VAL A 9 9.63 3.76 1.76
N TYR A 10 10.08 2.51 1.78
CA TYR A 10 11.40 2.16 1.25
C TYR A 10 11.26 1.25 0.03
N ILE A 11 10.49 0.19 0.19
CA ILE A 11 10.26 -0.78 -0.87
C ILE A 11 8.78 -0.86 -1.19
N PRO A 12 8.41 -1.18 -2.44
CA PRO A 12 7.01 -1.30 -2.85
C PRO A 12 6.28 -2.40 -2.11
N CYS A 13 4.98 -2.24 -1.99
CA CYS A 13 4.15 -3.21 -1.29
C CYS A 13 3.93 -4.46 -2.13
N ILE A 14 4.15 -5.62 -1.50
CA ILE A 14 3.97 -6.89 -2.16
C ILE A 14 2.48 -7.26 -2.19
N SER A 15 1.77 -6.88 -1.13
CA SER A 15 0.35 -7.14 -1.02
C SER A 15 -0.46 -6.16 -1.87
N GLY A 16 0.24 -5.26 -2.54
CA GLY A 16 -0.41 -4.26 -3.39
C GLY A 16 -1.29 -4.90 -4.46
N VAL A 17 -0.98 -6.15 -4.80
CA VAL A 17 -1.73 -6.88 -5.81
C VAL A 17 -3.20 -7.05 -5.43
N ILE A 18 -3.48 -7.01 -4.14
CA ILE A 18 -4.86 -7.17 -3.66
C ILE A 18 -5.64 -5.86 -3.75
N GLY A 19 -5.04 -4.82 -4.33
CA GLY A 19 -5.73 -3.56 -4.46
C GLY A 19 -5.01 -2.43 -3.76
N CYS A 20 -4.12 -2.77 -2.85
CA CYS A 20 -3.37 -1.76 -2.11
C CYS A 20 -2.49 -0.94 -3.04
N SER A 21 -2.66 0.36 -2.99
CA SER A 21 -1.90 1.27 -3.83
C SER A 21 -1.09 2.22 -2.97
N CYS A 22 0.10 2.58 -3.43
CA CYS A 22 0.97 3.47 -2.68
C CYS A 22 0.34 4.85 -2.52
N THR A 23 0.00 5.19 -1.29
CA THR A 23 -0.58 6.45 -0.95
C THR A 23 0.32 7.16 0.05
N ASP A 24 1.18 8.03 -0.47
CA ASP A 24 2.16 8.77 0.33
C ASP A 24 2.94 7.83 1.26
N LYS A 25 3.63 6.87 0.64
CA LYS A 25 4.46 5.89 1.35
C LYS A 25 3.65 4.80 2.04
N VAL A 26 2.33 4.93 2.10
CA VAL A 26 1.51 3.92 2.75
C VAL A 26 0.49 3.34 1.77
N CYS A 27 0.46 2.03 1.64
CA CYS A 27 -0.46 1.40 0.71
C CYS A 27 -1.88 1.28 1.25
N TYR A 28 -2.82 1.86 0.53
CA TYR A 28 -4.24 1.82 0.88
C TYR A 28 -4.99 0.93 -0.09
N LEU A 29 -5.94 0.20 0.42
CA LEU A 29 -6.76 -0.67 -0.40
C LEU A 29 -7.95 0.12 -0.87
N ASN A 30 -7.74 0.84 -1.96
CA ASN A 30 -8.77 1.70 -2.56
C ASN A 30 -9.33 2.67 -1.53
N GLY A 1 -8.59 2.92 -0.48
CA GLY A 1 -9.03 3.85 0.52
C GLY A 1 -8.70 3.40 1.93
N THR A 2 -8.75 2.09 2.18
CA THR A 2 -8.46 1.57 3.53
C THR A 2 -7.04 1.04 3.61
N PRO A 3 -6.17 1.70 4.41
CA PRO A 3 -4.76 1.28 4.57
C PRO A 3 -4.62 -0.22 4.82
N CYS A 4 -3.69 -0.86 4.12
CA CYS A 4 -3.46 -2.28 4.26
C CYS A 4 -2.40 -2.53 5.32
N GLY A 5 -2.01 -1.46 6.01
CA GLY A 5 -0.98 -1.57 7.03
C GLY A 5 0.40 -1.59 6.42
N GLU A 6 0.50 -2.06 5.19
CA GLU A 6 1.77 -2.13 4.49
C GLU A 6 2.12 -0.76 3.92
N SER A 7 3.36 -0.35 4.14
CA SER A 7 3.83 0.93 3.68
C SER A 7 4.91 0.79 2.61
N CYS A 8 4.90 1.75 1.70
CA CYS A 8 5.85 1.79 0.59
C CYS A 8 6.88 2.88 0.84
N VAL A 9 7.42 2.91 2.05
CA VAL A 9 8.42 3.91 2.44
C VAL A 9 9.76 3.64 1.79
N TYR A 10 10.15 2.37 1.77
CA TYR A 10 11.43 1.97 1.20
C TYR A 10 11.23 1.16 -0.08
N ILE A 11 10.35 0.17 -0.02
CA ILE A 11 10.07 -0.68 -1.16
C ILE A 11 8.57 -0.78 -1.39
N PRO A 12 8.15 -1.20 -2.59
CA PRO A 12 6.73 -1.34 -2.91
C PRO A 12 6.07 -2.44 -2.10
N CYS A 13 4.79 -2.29 -1.87
CA CYS A 13 4.02 -3.26 -1.09
C CYS A 13 3.74 -4.52 -1.88
N ILE A 14 3.96 -5.66 -1.24
CA ILE A 14 3.72 -6.95 -1.87
C ILE A 14 2.22 -7.22 -1.96
N SER A 15 1.48 -6.76 -0.95
CA SER A 15 0.03 -6.93 -0.91
C SER A 15 -0.66 -6.01 -1.91
N GLY A 16 0.13 -5.21 -2.61
CA GLY A 16 -0.42 -4.29 -3.59
C GLY A 16 -1.23 -4.99 -4.67
N VAL A 17 -0.90 -6.25 -4.91
CA VAL A 17 -1.59 -7.05 -5.91
C VAL A 17 -3.06 -7.26 -5.59
N ILE A 18 -3.42 -7.09 -4.32
CA ILE A 18 -4.80 -7.27 -3.91
C ILE A 18 -5.61 -5.98 -4.05
N GLY A 19 -4.95 -4.92 -4.52
CA GLY A 19 -5.63 -3.65 -4.69
C GLY A 19 -4.94 -2.52 -3.98
N CYS A 20 -4.10 -2.87 -3.01
CA CYS A 20 -3.38 -1.87 -2.23
C CYS A 20 -2.49 -1.02 -3.14
N SER A 21 -2.71 0.26 -3.09
CA SER A 21 -1.95 1.20 -3.90
C SER A 21 -1.09 2.09 -3.01
N CYS A 22 0.12 2.37 -3.44
CA CYS A 22 1.01 3.21 -2.67
C CYS A 22 0.47 4.64 -2.59
N THR A 23 0.20 5.10 -1.38
CA THR A 23 -0.33 6.43 -1.17
C THR A 23 0.42 7.12 -0.04
N ASP A 24 1.24 8.10 -0.42
CA ASP A 24 2.05 8.86 0.53
C ASP A 24 2.82 7.96 1.49
N LYS A 25 3.63 7.08 0.92
CA LYS A 25 4.47 6.15 1.69
C LYS A 25 3.69 5.00 2.32
N VAL A 26 2.37 4.99 2.21
CA VAL A 26 1.56 3.93 2.80
C VAL A 26 0.57 3.37 1.77
N CYS A 27 0.50 2.05 1.65
CA CYS A 27 -0.42 1.45 0.69
C CYS A 27 -1.84 1.36 1.23
N TYR A 28 -2.78 1.85 0.43
CA TYR A 28 -4.19 1.84 0.80
C TYR A 28 -4.96 0.90 -0.11
N LEU A 29 -5.92 0.22 0.47
CA LEU A 29 -6.78 -0.70 -0.26
C LEU A 29 -7.98 0.09 -0.75
N ASN A 30 -7.77 0.76 -1.88
CA ASN A 30 -8.80 1.60 -2.50
C ASN A 30 -9.36 2.61 -1.50
N GLY A 1 -8.62 2.97 -0.52
CA GLY A 1 -9.11 3.86 0.50
C GLY A 1 -8.79 3.38 1.92
N THR A 2 -8.83 2.07 2.13
CA THR A 2 -8.55 1.53 3.45
C THR A 2 -7.12 1.01 3.57
N PRO A 3 -6.29 1.63 4.43
CA PRO A 3 -4.89 1.24 4.61
C PRO A 3 -4.74 -0.25 4.90
N CYS A 4 -3.89 -0.92 4.13
CA CYS A 4 -3.66 -2.36 4.29
C CYS A 4 -2.63 -2.65 5.38
N GLY A 5 -2.31 -1.65 6.19
CA GLY A 5 -1.33 -1.83 7.25
C GLY A 5 0.03 -2.16 6.65
N GLU A 6 0.23 -1.65 5.44
CA GLU A 6 1.45 -1.87 4.69
C GLU A 6 1.98 -0.53 4.21
N SER A 7 3.29 -0.41 4.07
CA SER A 7 3.89 0.83 3.62
C SER A 7 4.99 0.59 2.61
N CYS A 8 5.10 1.52 1.68
CA CYS A 8 6.11 1.45 0.64
C CYS A 8 7.06 2.63 0.73
N VAL A 9 7.58 2.85 1.92
CA VAL A 9 8.51 3.94 2.17
C VAL A 9 9.84 3.71 1.45
N TYR A 10 10.20 2.44 1.34
CA TYR A 10 11.43 2.05 0.66
C TYR A 10 11.14 0.98 -0.39
N ILE A 11 10.44 -0.06 0.03
CA ILE A 11 10.08 -1.15 -0.87
C ILE A 11 8.61 -1.05 -1.25
N PRO A 12 8.26 -1.38 -2.50
CA PRO A 12 6.87 -1.32 -2.97
C PRO A 12 5.96 -2.28 -2.23
N CYS A 13 4.67 -1.98 -2.27
CA CYS A 13 3.67 -2.80 -1.60
C CYS A 13 3.67 -4.23 -2.15
N ILE A 14 3.93 -5.20 -1.29
CA ILE A 14 3.94 -6.60 -1.70
C ILE A 14 2.49 -7.09 -1.79
N SER A 15 1.66 -6.59 -0.88
CA SER A 15 0.25 -6.96 -0.86
C SER A 15 -0.52 -6.11 -1.86
N GLY A 16 0.22 -5.27 -2.59
CA GLY A 16 -0.38 -4.40 -3.59
C GLY A 16 -1.20 -5.14 -4.63
N VAL A 17 -0.92 -6.43 -4.79
CA VAL A 17 -1.62 -7.27 -5.74
C VAL A 17 -3.12 -7.32 -5.46
N ILE A 18 -3.48 -7.16 -4.20
CA ILE A 18 -4.88 -7.18 -3.79
C ILE A 18 -5.58 -5.86 -4.10
N GLY A 19 -4.81 -4.87 -4.49
CA GLY A 19 -5.36 -3.57 -4.82
C GLY A 19 -4.66 -2.46 -4.08
N CYS A 20 -3.95 -2.83 -3.02
CA CYS A 20 -3.22 -1.85 -2.21
C CYS A 20 -2.28 -1.04 -3.09
N SER A 21 -2.43 0.27 -3.03
CA SER A 21 -1.61 1.18 -3.82
C SER A 21 -0.88 2.17 -2.94
N CYS A 22 0.29 2.60 -3.38
CA CYS A 22 1.09 3.55 -2.63
C CYS A 22 0.39 4.89 -2.49
N THR A 23 0.07 5.23 -1.26
CA THR A 23 -0.58 6.48 -0.94
C THR A 23 0.25 7.21 0.11
N ASP A 24 1.09 8.12 -0.34
CA ASP A 24 1.99 8.87 0.53
C ASP A 24 2.82 7.92 1.40
N LYS A 25 3.50 6.99 0.73
CA LYS A 25 4.36 6.00 1.37
C LYS A 25 3.57 4.90 2.08
N VAL A 26 2.26 5.07 2.20
CA VAL A 26 1.43 4.05 2.87
C VAL A 26 0.51 3.36 1.86
N CYS A 27 0.51 2.04 1.87
CA CYS A 27 -0.32 1.28 0.94
C CYS A 27 -1.78 1.26 1.38
N TYR A 28 -2.66 1.78 0.53
CA TYR A 28 -4.09 1.82 0.82
C TYR A 28 -4.84 0.89 -0.11
N LEU A 29 -5.87 0.27 0.41
CA LEU A 29 -6.71 -0.63 -0.35
C LEU A 29 -7.92 0.14 -0.84
N ASN A 30 -7.73 0.84 -1.94
CA ASN A 30 -8.79 1.66 -2.55
C ASN A 30 -9.40 2.61 -1.53
N GLY A 1 -8.87 3.13 -0.27
CA GLY A 1 -9.34 4.03 0.75
C GLY A 1 -8.96 3.59 2.15
N THR A 2 -8.99 2.28 2.41
CA THR A 2 -8.66 1.77 3.75
C THR A 2 -7.24 1.24 3.80
N PRO A 3 -6.34 1.90 4.57
CA PRO A 3 -4.94 1.48 4.69
C PRO A 3 -4.80 -0.01 5.02
N CYS A 4 -3.93 -0.69 4.30
CA CYS A 4 -3.71 -2.12 4.49
C CYS A 4 -2.60 -2.35 5.49
N GLY A 5 -2.10 -1.25 6.07
CA GLY A 5 -1.00 -1.34 7.01
C GLY A 5 0.33 -1.48 6.30
N GLU A 6 0.27 -1.99 5.08
CA GLU A 6 1.44 -2.18 4.26
C GLU A 6 1.95 -0.84 3.77
N SER A 7 3.24 -0.61 3.89
CA SER A 7 3.84 0.64 3.48
C SER A 7 4.80 0.47 2.32
N CYS A 8 5.13 1.59 1.69
CA CYS A 8 6.03 1.62 0.56
C CYS A 8 6.96 2.82 0.67
N VAL A 9 7.48 3.04 1.87
CA VAL A 9 8.38 4.16 2.14
C VAL A 9 9.73 3.94 1.48
N TYR A 10 10.24 2.72 1.62
CA TYR A 10 11.53 2.36 1.03
C TYR A 10 11.37 1.07 0.22
N ILE A 11 10.68 0.12 0.80
CA ILE A 11 10.43 -1.16 0.15
C ILE A 11 9.00 -1.19 -0.35
N PRO A 12 8.78 -1.64 -1.59
CA PRO A 12 7.43 -1.70 -2.17
C PRO A 12 6.54 -2.68 -1.43
N CYS A 13 5.25 -2.43 -1.46
CA CYS A 13 4.27 -3.26 -0.78
C CYS A 13 4.26 -4.68 -1.34
N ILE A 14 4.23 -4.79 -2.67
CA ILE A 14 4.20 -6.08 -3.36
C ILE A 14 2.83 -6.76 -3.23
N SER A 15 2.36 -6.95 -2.00
CA SER A 15 1.06 -7.56 -1.74
C SER A 15 -0.05 -6.62 -2.22
N GLY A 16 0.32 -5.36 -2.44
CA GLY A 16 -0.61 -4.34 -2.88
C GLY A 16 -1.38 -4.72 -4.15
N VAL A 17 -0.90 -5.74 -4.86
CA VAL A 17 -1.57 -6.21 -6.07
C VAL A 17 -3.01 -6.64 -5.79
N ILE A 18 -3.29 -6.87 -4.51
CA ILE A 18 -4.63 -7.27 -4.07
C ILE A 18 -5.62 -6.11 -4.18
N GLY A 19 -5.08 -4.91 -4.31
CA GLY A 19 -5.91 -3.73 -4.43
C GLY A 19 -5.28 -2.55 -3.75
N CYS A 20 -4.41 -2.84 -2.80
CA CYS A 20 -3.71 -1.80 -2.05
C CYS A 20 -2.78 -1.01 -2.95
N SER A 21 -3.01 0.29 -3.02
CA SER A 21 -2.21 1.17 -3.85
C SER A 21 -1.28 2.00 -2.99
N CYS A 22 -0.04 2.17 -3.44
CA CYS A 22 0.93 2.95 -2.70
C CYS A 22 0.52 4.43 -2.65
N THR A 23 -0.01 4.82 -1.51
CA THR A 23 -0.47 6.19 -1.30
C THR A 23 0.43 6.89 -0.28
N ASP A 24 1.25 7.80 -0.78
CA ASP A 24 2.18 8.56 0.06
C ASP A 24 2.95 7.66 1.03
N LYS A 25 3.68 6.71 0.46
CA LYS A 25 4.51 5.76 1.22
C LYS A 25 3.69 4.74 2.01
N VAL A 26 2.37 4.71 1.84
CA VAL A 26 1.53 3.75 2.56
C VAL A 26 0.47 3.17 1.61
N CYS A 27 0.39 1.86 1.51
CA CYS A 27 -0.58 1.23 0.63
C CYS A 27 -1.98 1.21 1.23
N TYR A 28 -2.92 1.80 0.50
CA TYR A 28 -4.31 1.88 0.91
C TYR A 28 -5.16 0.96 0.04
N LEU A 29 -6.16 0.35 0.65
CA LEU A 29 -7.06 -0.54 -0.05
C LEU A 29 -8.24 0.27 -0.54
N ASN A 30 -8.03 0.95 -1.67
CA ASN A 30 -9.05 1.81 -2.28
C ASN A 30 -9.66 2.76 -1.27
N GLY A 1 -8.60 3.03 -0.54
CA GLY A 1 -9.01 3.99 0.44
C GLY A 1 -8.71 3.55 1.87
N THR A 2 -8.82 2.25 2.13
CA THR A 2 -8.56 1.74 3.48
C THR A 2 -7.15 1.18 3.60
N PRO A 3 -6.27 1.82 4.39
CA PRO A 3 -4.88 1.38 4.57
C PRO A 3 -4.77 -0.12 4.88
N CYS A 4 -3.85 -0.79 4.18
CA CYS A 4 -3.65 -2.22 4.37
C CYS A 4 -2.59 -2.46 5.42
N GLY A 5 -2.15 -1.38 6.06
CA GLY A 5 -1.12 -1.49 7.06
C GLY A 5 0.26 -1.58 6.43
N GLU A 6 0.30 -2.11 5.22
CA GLU A 6 1.55 -2.25 4.49
C GLU A 6 1.97 -0.91 3.92
N SER A 7 3.19 -0.51 4.20
CA SER A 7 3.71 0.76 3.75
C SER A 7 4.78 0.59 2.67
N CYS A 8 4.88 1.61 1.83
CA CYS A 8 5.84 1.62 0.74
C CYS A 8 6.86 2.74 0.97
N VAL A 9 7.43 2.75 2.16
CA VAL A 9 8.40 3.78 2.54
C VAL A 9 9.71 3.63 1.77
N TYR A 10 10.19 2.41 1.66
CA TYR A 10 11.44 2.12 0.96
C TYR A 10 11.17 1.37 -0.34
N ILE A 11 10.35 0.35 -0.27
CA ILE A 11 10.02 -0.45 -1.43
C ILE A 11 8.51 -0.60 -1.56
N PRO A 12 8.01 -0.89 -2.77
CA PRO A 12 6.57 -1.06 -3.00
C PRO A 12 6.02 -2.25 -2.23
N CYS A 13 4.74 -2.17 -1.91
CA CYS A 13 4.07 -3.22 -1.17
C CYS A 13 3.86 -4.47 -2.02
N ILE A 14 4.20 -5.61 -1.46
CA ILE A 14 4.03 -6.89 -2.14
C ILE A 14 2.55 -7.28 -2.16
N SER A 15 1.86 -6.96 -1.07
CA SER A 15 0.43 -7.26 -0.95
C SER A 15 -0.39 -6.28 -1.77
N GLY A 16 0.29 -5.30 -2.37
CA GLY A 16 -0.38 -4.30 -3.20
C GLY A 16 -1.17 -4.91 -4.34
N VAL A 17 -0.79 -6.13 -4.73
CA VAL A 17 -1.45 -6.85 -5.82
C VAL A 17 -2.93 -7.09 -5.51
N ILE A 18 -3.29 -7.08 -4.23
CA ILE A 18 -4.68 -7.31 -3.84
C ILE A 18 -5.54 -6.06 -4.00
N GLY A 19 -4.92 -4.97 -4.44
CA GLY A 19 -5.66 -3.74 -4.63
C GLY A 19 -5.00 -2.58 -3.92
N CYS A 20 -4.18 -2.88 -2.93
CA CYS A 20 -3.50 -1.85 -2.16
C CYS A 20 -2.57 -1.03 -3.06
N SER A 21 -2.81 0.26 -3.09
CA SER A 21 -2.03 1.17 -3.90
C SER A 21 -1.14 2.03 -3.01
N CYS A 22 0.09 2.25 -3.44
CA CYS A 22 1.03 3.05 -2.68
C CYS A 22 0.60 4.52 -2.71
N THR A 23 0.43 5.10 -1.53
CA THR A 23 0.03 6.49 -1.39
C THR A 23 0.64 7.08 -0.13
N ASP A 24 1.45 8.11 -0.29
CA ASP A 24 2.12 8.77 0.83
C ASP A 24 2.84 7.73 1.69
N LYS A 25 3.74 6.99 1.04
CA LYS A 25 4.56 5.93 1.63
C LYS A 25 3.73 4.85 2.36
N VAL A 26 2.42 4.81 2.12
CA VAL A 26 1.57 3.80 2.74
C VAL A 26 0.57 3.26 1.72
N CYS A 27 0.46 1.94 1.63
CA CYS A 27 -0.48 1.35 0.68
C CYS A 27 -1.91 1.31 1.21
N TYR A 28 -2.83 1.84 0.42
CA TYR A 28 -4.24 1.86 0.78
C TYR A 28 -5.04 0.93 -0.11
N LEU A 29 -6.01 0.27 0.48
CA LEU A 29 -6.90 -0.63 -0.24
C LEU A 29 -8.07 0.17 -0.75
N ASN A 30 -7.84 0.82 -1.89
CA ASN A 30 -8.84 1.68 -2.54
C ASN A 30 -9.39 2.72 -1.57
N GLY A 1 -8.81 2.95 -0.55
CA GLY A 1 -9.36 3.78 0.49
C GLY A 1 -9.00 3.34 1.89
N THR A 2 -8.92 2.02 2.13
CA THR A 2 -8.58 1.54 3.46
C THR A 2 -7.14 1.03 3.53
N PRO A 3 -6.30 1.64 4.37
CA PRO A 3 -4.89 1.25 4.54
C PRO A 3 -4.73 -0.25 4.79
N CYS A 4 -3.75 -0.86 4.13
CA CYS A 4 -3.51 -2.28 4.28
C CYS A 4 -2.46 -2.52 5.34
N GLY A 5 -2.05 -1.44 6.01
CA GLY A 5 -1.04 -1.54 7.03
C GLY A 5 0.36 -1.58 6.44
N GLU A 6 0.45 -2.06 5.21
CA GLU A 6 1.74 -2.16 4.52
C GLU A 6 2.13 -0.79 3.98
N SER A 7 3.37 -0.41 4.22
CA SER A 7 3.88 0.86 3.79
C SER A 7 4.92 0.72 2.68
N CYS A 8 4.94 1.72 1.81
CA CYS A 8 5.85 1.76 0.69
C CYS A 8 6.88 2.87 0.89
N VAL A 9 7.48 2.90 2.08
CA VAL A 9 8.46 3.91 2.41
C VAL A 9 9.77 3.69 1.67
N TYR A 10 10.20 2.44 1.60
CA TYR A 10 11.45 2.09 0.92
C TYR A 10 11.18 1.33 -0.37
N ILE A 11 10.34 0.32 -0.28
CA ILE A 11 10.00 -0.51 -1.43
C ILE A 11 8.49 -0.63 -1.57
N PRO A 12 7.99 -1.04 -2.75
CA PRO A 12 6.56 -1.20 -2.98
C PRO A 12 5.98 -2.33 -2.16
N CYS A 13 4.71 -2.22 -1.84
CA CYS A 13 4.02 -3.21 -1.04
C CYS A 13 3.76 -4.49 -1.82
N ILE A 14 3.99 -5.62 -1.15
CA ILE A 14 3.78 -6.93 -1.76
C ILE A 14 2.29 -7.21 -1.89
N SER A 15 1.52 -6.80 -0.88
CA SER A 15 0.08 -7.02 -0.88
C SER A 15 -0.62 -6.08 -1.86
N GLY A 16 0.17 -5.28 -2.58
CA GLY A 16 -0.39 -4.34 -3.54
C GLY A 16 -1.22 -5.03 -4.61
N VAL A 17 -0.92 -6.29 -4.86
CA VAL A 17 -1.64 -7.08 -5.85
C VAL A 17 -3.12 -7.24 -5.52
N ILE A 18 -3.47 -7.06 -4.26
CA ILE A 18 -4.85 -7.20 -3.82
C ILE A 18 -5.63 -5.89 -4.05
N GLY A 19 -4.92 -4.86 -4.47
CA GLY A 19 -5.54 -3.58 -4.71
C GLY A 19 -4.85 -2.46 -3.99
N CYS A 20 -4.05 -2.81 -2.99
CA CYS A 20 -3.31 -1.82 -2.22
C CYS A 20 -2.38 -1.01 -3.11
N SER A 21 -2.57 0.29 -3.09
CA SER A 21 -1.78 1.20 -3.89
C SER A 21 -0.94 2.08 -2.98
N CYS A 22 0.28 2.37 -3.40
CA CYS A 22 1.17 3.21 -2.61
C CYS A 22 0.58 4.61 -2.49
N THR A 23 0.24 4.99 -1.27
CA THR A 23 -0.34 6.29 -0.99
C THR A 23 0.52 7.05 0.01
N ASP A 24 1.43 7.86 -0.53
CA ASP A 24 2.35 8.66 0.27
C ASP A 24 3.02 7.82 1.36
N LYS A 25 3.81 6.85 0.94
CA LYS A 25 4.56 5.99 1.86
C LYS A 25 3.70 4.89 2.50
N VAL A 26 2.39 4.94 2.34
CA VAL A 26 1.52 3.92 2.93
C VAL A 26 0.55 3.37 1.90
N CYS A 27 0.49 2.06 1.77
CA CYS A 27 -0.42 1.46 0.78
C CYS A 27 -1.85 1.37 1.29
N TYR A 28 -2.77 1.89 0.49
CA TYR A 28 -4.19 1.86 0.81
C TYR A 28 -4.92 0.95 -0.16
N LEU A 29 -5.92 0.27 0.35
CA LEU A 29 -6.72 -0.63 -0.44
C LEU A 29 -7.96 0.12 -0.89
N ASN A 30 -7.81 0.83 -2.00
CA ASN A 30 -8.88 1.63 -2.58
C ASN A 30 -9.56 2.52 -1.54
N GLY A 1 -8.69 3.07 -0.33
CA GLY A 1 -9.09 3.97 0.72
C GLY A 1 -8.75 3.44 2.10
N THR A 2 -8.86 2.12 2.29
CA THR A 2 -8.56 1.53 3.60
C THR A 2 -7.14 1.00 3.67
N PRO A 3 -6.27 1.62 4.49
CA PRO A 3 -4.86 1.21 4.62
C PRO A 3 -4.71 -0.29 4.86
N CYS A 4 -3.89 -0.93 4.05
CA CYS A 4 -3.67 -2.38 4.15
C CYS A 4 -2.58 -2.71 5.15
N GLY A 5 -2.21 -1.74 5.99
CA GLY A 5 -1.18 -1.96 6.98
C GLY A 5 0.16 -2.28 6.35
N GLU A 6 0.35 -1.81 5.12
CA GLU A 6 1.57 -2.04 4.39
C GLU A 6 2.04 -0.71 3.79
N SER A 7 3.31 -0.40 3.99
CA SER A 7 3.87 0.85 3.50
C SER A 7 4.87 0.63 2.38
N CYS A 8 4.95 1.62 1.51
CA CYS A 8 5.85 1.60 0.38
C CYS A 8 6.93 2.67 0.56
N VAL A 9 7.45 2.75 1.78
CA VAL A 9 8.46 3.74 2.12
C VAL A 9 9.80 3.45 1.44
N TYR A 10 10.38 2.32 1.79
CA TYR A 10 11.66 1.90 1.24
C TYR A 10 11.47 1.04 0.00
N ILE A 11 10.61 0.04 0.13
CA ILE A 11 10.34 -0.89 -0.96
C ILE A 11 8.86 -0.89 -1.30
N PRO A 12 8.49 -1.34 -2.51
CA PRO A 12 7.11 -1.38 -2.94
C PRO A 12 6.31 -2.44 -2.17
N CYS A 13 5.02 -2.23 -2.07
CA CYS A 13 4.14 -3.13 -1.35
C CYS A 13 3.99 -4.46 -2.08
N ILE A 14 4.11 -5.56 -1.35
CA ILE A 14 3.97 -6.88 -1.94
C ILE A 14 2.51 -7.33 -1.86
N SER A 15 1.86 -7.01 -0.73
CA SER A 15 0.47 -7.36 -0.52
C SER A 15 -0.42 -6.45 -1.36
N GLY A 16 0.12 -5.27 -1.68
CA GLY A 16 -0.59 -4.27 -2.46
C GLY A 16 -1.14 -4.79 -3.78
N VAL A 17 -0.63 -5.93 -4.23
CA VAL A 17 -1.09 -6.54 -5.48
C VAL A 17 -2.59 -6.84 -5.43
N ILE A 18 -3.14 -6.93 -4.23
CA ILE A 18 -4.56 -7.21 -4.05
C ILE A 18 -5.43 -6.00 -4.35
N GLY A 19 -4.81 -4.86 -4.62
CA GLY A 19 -5.57 -3.66 -4.92
C GLY A 19 -5.03 -2.45 -4.19
N CYS A 20 -4.25 -2.70 -3.15
CA CYS A 20 -3.65 -1.64 -2.36
C CYS A 20 -2.74 -0.76 -3.22
N SER A 21 -3.03 0.52 -3.22
CA SER A 21 -2.25 1.47 -3.99
C SER A 21 -1.34 2.28 -3.09
N CYS A 22 -0.12 2.53 -3.55
CA CYS A 22 0.85 3.28 -2.78
C CYS A 22 0.45 4.76 -2.73
N THR A 23 0.21 5.27 -1.53
CA THR A 23 -0.19 6.65 -1.35
C THR A 23 0.43 7.19 -0.07
N ASP A 24 1.20 8.26 -0.21
CA ASP A 24 1.89 8.89 0.92
C ASP A 24 2.74 7.85 1.65
N LYS A 25 3.47 7.10 0.85
CA LYS A 25 4.36 6.04 1.32
C LYS A 25 3.63 4.91 2.06
N VAL A 26 2.31 4.84 1.93
CA VAL A 26 1.52 3.79 2.57
C VAL A 26 0.50 3.24 1.58
N CYS A 27 0.39 1.94 1.47
CA CYS A 27 -0.56 1.34 0.54
C CYS A 27 -1.97 1.27 1.13
N TYR A 28 -2.93 1.83 0.40
CA TYR A 28 -4.33 1.85 0.80
C TYR A 28 -5.14 0.96 -0.12
N LEU A 29 -6.12 0.28 0.46
CA LEU A 29 -7.01 -0.59 -0.29
C LEU A 29 -8.18 0.24 -0.74
N ASN A 30 -7.96 0.97 -1.84
CA ASN A 30 -8.97 1.87 -2.41
C ASN A 30 -9.49 2.85 -1.37
N GLY A 1 -8.39 2.77 -0.64
CA GLY A 1 -8.88 3.66 0.38
C GLY A 1 -8.60 3.18 1.79
N THR A 2 -8.61 1.86 1.99
CA THR A 2 -8.37 1.30 3.32
C THR A 2 -6.92 0.85 3.47
N PRO A 3 -6.14 1.50 4.34
CA PRO A 3 -4.73 1.15 4.57
C PRO A 3 -4.52 -0.34 4.81
N CYS A 4 -3.53 -0.92 4.13
CA CYS A 4 -3.23 -2.34 4.26
C CYS A 4 -2.35 -2.62 5.47
N GLY A 5 -2.36 -1.70 6.42
CA GLY A 5 -1.57 -1.84 7.63
C GLY A 5 -0.08 -1.93 7.36
N GLU A 6 0.37 -1.29 6.29
CA GLU A 6 1.78 -1.30 5.92
C GLU A 6 2.07 -0.16 4.95
N SER A 7 3.30 0.32 4.99
CA SER A 7 3.74 1.40 4.13
C SER A 7 4.54 0.88 2.95
N CYS A 8 5.08 1.79 2.17
CA CYS A 8 5.89 1.44 1.01
C CYS A 8 6.92 2.53 0.75
N VAL A 9 7.51 3.01 1.84
CA VAL A 9 8.52 4.07 1.77
C VAL A 9 9.80 3.57 1.12
N TYR A 10 10.18 2.35 1.48
CA TYR A 10 11.39 1.73 0.95
C TYR A 10 11.06 0.67 -0.09
N ILE A 11 10.15 -0.22 0.26
CA ILE A 11 9.74 -1.30 -0.64
C ILE A 11 8.31 -1.10 -1.10
N PRO A 12 8.01 -1.42 -2.37
CA PRO A 12 6.67 -1.28 -2.94
C PRO A 12 5.66 -2.20 -2.26
N CYS A 13 4.39 -1.85 -2.38
CA CYS A 13 3.31 -2.63 -1.78
C CYS A 13 3.30 -4.07 -2.31
N ILE A 14 3.66 -5.01 -1.44
CA ILE A 14 3.68 -6.42 -1.80
C ILE A 14 2.29 -6.90 -2.15
N SER A 15 1.32 -6.53 -1.32
CA SER A 15 -0.07 -6.90 -1.53
C SER A 15 -0.74 -6.00 -2.58
N GLY A 16 0.05 -5.49 -3.51
CA GLY A 16 -0.47 -4.62 -4.56
C GLY A 16 -1.54 -5.30 -5.38
N VAL A 17 -1.39 -6.60 -5.59
CA VAL A 17 -2.34 -7.38 -6.36
C VAL A 17 -3.71 -7.41 -5.66
N ILE A 18 -3.71 -7.16 -4.37
CA ILE A 18 -4.95 -7.15 -3.59
C ILE A 18 -5.64 -5.80 -3.69
N GLY A 19 -4.92 -4.83 -4.24
CA GLY A 19 -5.46 -3.50 -4.39
C GLY A 19 -4.64 -2.47 -3.67
N CYS A 20 -3.67 -2.93 -2.88
CA CYS A 20 -2.81 -2.02 -2.14
C CYS A 20 -1.96 -1.19 -3.09
N SER A 21 -2.07 0.12 -2.95
CA SER A 21 -1.33 1.05 -3.78
C SER A 21 -0.62 2.08 -2.91
N CYS A 22 0.53 2.55 -3.37
CA CYS A 22 1.30 3.53 -2.62
C CYS A 22 0.59 4.88 -2.54
N THR A 23 0.06 5.15 -1.36
CA THR A 23 -0.63 6.39 -1.10
C THR A 23 0.17 7.18 -0.07
N ASP A 24 0.94 8.15 -0.55
CA ASP A 24 1.79 8.98 0.31
C ASP A 24 2.69 8.11 1.20
N LYS A 25 3.43 7.21 0.56
CA LYS A 25 4.36 6.30 1.23
C LYS A 25 3.65 5.21 2.05
N VAL A 26 2.32 5.20 2.07
CA VAL A 26 1.58 4.19 2.81
C VAL A 26 0.69 3.38 1.88
N CYS A 27 0.69 2.06 2.02
CA CYS A 27 -0.11 1.22 1.15
C CYS A 27 -1.59 1.24 1.54
N TYR A 28 -2.42 1.71 0.62
CA TYR A 28 -3.86 1.75 0.84
C TYR A 28 -4.53 0.79 -0.12
N LEU A 29 -5.56 0.13 0.36
CA LEU A 29 -6.31 -0.81 -0.43
C LEU A 29 -7.59 -0.12 -0.88
N ASN A 30 -7.48 0.58 -2.00
CA ASN A 30 -8.59 1.33 -2.58
C ASN A 30 -9.22 2.27 -1.54
N GLY A 1 -8.47 2.97 -0.60
CA GLY A 1 -8.93 3.88 0.43
C GLY A 1 -8.65 3.39 1.83
N THR A 2 -8.71 2.08 2.04
CA THR A 2 -8.47 1.52 3.37
C THR A 2 -7.03 1.02 3.49
N PRO A 3 -6.21 1.66 4.35
CA PRO A 3 -4.81 1.28 4.55
C PRO A 3 -4.65 -0.21 4.82
N CYS A 4 -3.68 -0.82 4.14
CA CYS A 4 -3.41 -2.25 4.28
C CYS A 4 -2.57 -2.53 5.53
N GLY A 5 -2.58 -1.60 6.47
CA GLY A 5 -1.85 -1.75 7.70
C GLY A 5 -0.35 -1.83 7.48
N GLU A 6 0.14 -1.19 6.42
CA GLU A 6 1.57 -1.21 6.12
C GLU A 6 1.92 -0.08 5.15
N SER A 7 3.15 0.38 5.23
CA SER A 7 3.65 1.44 4.40
C SER A 7 4.56 0.90 3.29
N CYS A 8 5.05 1.81 2.47
CA CYS A 8 5.95 1.46 1.39
C CYS A 8 6.88 2.62 1.09
N VAL A 9 7.50 3.14 2.13
CA VAL A 9 8.42 4.25 2.02
C VAL A 9 9.67 3.86 1.24
N TYR A 10 10.18 2.68 1.54
CA TYR A 10 11.38 2.16 0.90
C TYR A 10 11.04 1.28 -0.29
N ILE A 11 10.13 0.34 -0.08
CA ILE A 11 9.73 -0.59 -1.13
C ILE A 11 8.22 -0.74 -1.17
N PRO A 12 7.64 -0.86 -2.37
CA PRO A 12 6.20 -1.01 -2.56
C PRO A 12 5.68 -2.35 -2.05
N CYS A 13 4.41 -2.38 -1.66
CA CYS A 13 3.79 -3.59 -1.15
C CYS A 13 3.66 -4.63 -2.27
N ILE A 14 4.26 -5.79 -2.05
CA ILE A 14 4.23 -6.88 -3.02
C ILE A 14 2.80 -7.34 -3.25
N SER A 15 2.03 -7.44 -2.17
CA SER A 15 0.64 -7.88 -2.25
C SER A 15 -0.27 -6.76 -2.78
N GLY A 16 0.31 -5.79 -3.48
CA GLY A 16 -0.46 -4.69 -4.05
C GLY A 16 -1.56 -5.15 -4.99
N VAL A 17 -1.40 -6.37 -5.51
CA VAL A 17 -2.36 -6.95 -6.43
C VAL A 17 -3.74 -7.10 -5.79
N ILE A 18 -3.79 -7.13 -4.47
CA ILE A 18 -5.05 -7.26 -3.75
C ILE A 18 -5.80 -5.93 -3.66
N GLY A 19 -5.20 -4.88 -4.21
CA GLY A 19 -5.83 -3.57 -4.18
C GLY A 19 -4.94 -2.53 -3.54
N CYS A 20 -3.98 -2.99 -2.76
CA CYS A 20 -3.05 -2.09 -2.07
C CYS A 20 -2.22 -1.29 -3.07
N SER A 21 -2.29 0.01 -2.93
CA SER A 21 -1.56 0.92 -3.78
C SER A 21 -0.79 1.91 -2.91
N CYS A 22 0.41 2.26 -3.34
CA CYS A 22 1.23 3.19 -2.58
C CYS A 22 0.70 4.60 -2.66
N THR A 23 0.29 5.12 -1.52
CA THR A 23 -0.22 6.46 -1.40
C THR A 23 0.59 7.20 -0.34
N ASP A 24 1.42 8.12 -0.79
CA ASP A 24 2.30 8.91 0.08
C ASP A 24 3.06 8.02 1.07
N LYS A 25 3.81 7.07 0.53
CA LYS A 25 4.63 6.14 1.30
C LYS A 25 3.81 5.15 2.15
N VAL A 26 2.50 5.10 1.98
CA VAL A 26 1.67 4.17 2.75
C VAL A 26 0.75 3.38 1.82
N CYS A 27 0.66 2.07 2.02
CA CYS A 27 -0.18 1.24 1.17
C CYS A 27 -1.66 1.30 1.57
N TYR A 28 -2.50 1.76 0.64
CA TYR A 28 -3.93 1.83 0.88
C TYR A 28 -4.64 0.88 -0.07
N LEU A 29 -5.68 0.25 0.41
CA LEU A 29 -6.46 -0.67 -0.39
C LEU A 29 -7.72 0.05 -0.82
N ASN A 30 -7.61 0.75 -1.95
CA ASN A 30 -8.72 1.52 -2.51
C ASN A 30 -9.32 2.46 -1.47
N GLY A 1 -8.75 3.04 -0.50
CA GLY A 1 -9.22 3.97 0.51
C GLY A 1 -8.88 3.52 1.93
N THR A 2 -8.90 2.22 2.18
CA THR A 2 -8.60 1.72 3.52
C THR A 2 -7.17 1.18 3.59
N PRO A 3 -6.28 1.81 4.39
CA PRO A 3 -4.89 1.38 4.54
C PRO A 3 -4.77 -0.12 4.82
N CYS A 4 -3.88 -0.78 4.09
CA CYS A 4 -3.67 -2.21 4.23
C CYS A 4 -2.71 -2.52 5.37
N GLY A 5 -2.49 -1.54 6.23
CA GLY A 5 -1.59 -1.73 7.35
C GLY A 5 -0.18 -2.05 6.91
N GLU A 6 0.21 -1.49 5.77
CA GLU A 6 1.53 -1.71 5.21
C GLU A 6 2.03 -0.43 4.53
N SER A 7 3.31 -0.17 4.71
CA SER A 7 3.94 1.02 4.16
C SER A 7 4.73 0.71 2.91
N CYS A 8 5.16 1.78 2.24
CA CYS A 8 5.94 1.67 1.02
C CYS A 8 6.87 2.89 0.92
N VAL A 9 7.58 3.16 2.00
CA VAL A 9 8.49 4.31 2.06
C VAL A 9 9.68 4.11 1.14
N TYR A 10 10.17 2.87 1.08
CA TYR A 10 11.31 2.54 0.23
C TYR A 10 10.95 1.40 -0.72
N ILE A 11 10.38 0.34 -0.15
CA ILE A 11 10.00 -0.82 -0.94
C ILE A 11 8.48 -0.87 -1.06
N PRO A 12 7.95 -1.07 -2.28
CA PRO A 12 6.51 -1.14 -2.52
C PRO A 12 5.92 -2.40 -1.92
N CYS A 13 4.65 -2.31 -1.55
CA CYS A 13 3.95 -3.44 -0.95
C CYS A 13 3.71 -4.55 -1.97
N ILE A 14 4.26 -5.72 -1.70
CA ILE A 14 4.10 -6.87 -2.59
C ILE A 14 2.64 -7.31 -2.65
N SER A 15 1.92 -7.09 -1.55
CA SER A 15 0.51 -7.44 -1.46
C SER A 15 -0.36 -6.45 -2.25
N GLY A 16 0.28 -5.48 -2.90
CA GLY A 16 -0.43 -4.49 -3.67
C GLY A 16 -1.32 -5.09 -4.75
N VAL A 17 -1.00 -6.32 -5.14
CA VAL A 17 -1.76 -7.02 -6.17
C VAL A 17 -3.22 -7.20 -5.78
N ILE A 18 -3.50 -7.16 -4.48
CA ILE A 18 -4.87 -7.33 -3.99
C ILE A 18 -5.66 -6.02 -4.08
N GLY A 19 -5.02 -4.96 -4.57
CA GLY A 19 -5.69 -3.69 -4.71
C GLY A 19 -4.95 -2.59 -3.98
N CYS A 20 -4.14 -2.97 -3.01
CA CYS A 20 -3.38 -2.00 -2.22
C CYS A 20 -2.46 -1.19 -3.12
N SER A 21 -2.63 0.11 -3.06
CA SER A 21 -1.83 1.02 -3.86
C SER A 21 -0.99 1.89 -2.94
N CYS A 22 0.26 2.10 -3.32
CA CYS A 22 1.15 2.91 -2.52
C CYS A 22 0.72 4.37 -2.57
N THR A 23 0.49 4.95 -1.40
CA THR A 23 0.06 6.34 -1.32
C THR A 23 0.79 7.04 -0.19
N ASP A 24 1.62 8.01 -0.55
CA ASP A 24 2.41 8.79 0.40
C ASP A 24 3.09 7.91 1.45
N LYS A 25 3.92 6.99 0.96
CA LYS A 25 4.71 6.08 1.81
C LYS A 25 3.86 5.00 2.50
N VAL A 26 2.57 4.91 2.21
CA VAL A 26 1.73 3.89 2.84
C VAL A 26 0.70 3.33 1.86
N CYS A 27 0.56 2.01 1.80
CA CYS A 27 -0.38 1.39 0.88
C CYS A 27 -1.81 1.39 1.40
N TYR A 28 -2.74 1.80 0.53
CA TYR A 28 -4.15 1.84 0.85
C TYR A 28 -4.92 0.90 -0.05
N LEU A 29 -5.96 0.32 0.49
CA LEU A 29 -6.81 -0.60 -0.25
C LEU A 29 -8.04 0.16 -0.70
N ASN A 30 -7.91 0.83 -1.85
CA ASN A 30 -8.98 1.62 -2.44
C ASN A 30 -9.58 2.59 -1.42
N GLY A 1 -8.48 2.83 -0.51
CA GLY A 1 -8.97 3.78 0.46
C GLY A 1 -8.65 3.37 1.88
N THR A 2 -8.69 2.07 2.17
CA THR A 2 -8.40 1.60 3.53
C THR A 2 -6.98 1.05 3.64
N PRO A 3 -6.12 1.67 4.46
CA PRO A 3 -4.72 1.25 4.63
C PRO A 3 -4.58 -0.26 4.81
N CYS A 4 -3.65 -0.86 4.08
CA CYS A 4 -3.41 -2.30 4.15
C CYS A 4 -2.52 -2.67 5.33
N GLY A 5 -2.42 -1.77 6.30
CA GLY A 5 -1.60 -2.01 7.47
C GLY A 5 -0.13 -2.15 7.14
N GLU A 6 0.31 -1.48 6.09
CA GLU A 6 1.70 -1.53 5.67
C GLU A 6 2.05 -0.29 4.85
N SER A 7 3.31 0.08 4.87
CA SER A 7 3.79 1.25 4.16
C SER A 7 4.51 0.86 2.86
N CYS A 8 5.04 1.88 2.20
CA CYS A 8 5.77 1.70 0.96
C CYS A 8 6.80 2.81 0.82
N VAL A 9 7.46 3.10 1.94
CA VAL A 9 8.47 4.16 1.98
C VAL A 9 9.72 3.76 1.21
N TYR A 10 10.13 2.52 1.37
CA TYR A 10 11.32 2.01 0.69
C TYR A 10 10.95 0.91 -0.29
N ILE A 11 10.14 -0.03 0.16
CA ILE A 11 9.72 -1.15 -0.68
C ILE A 11 8.29 -0.95 -1.14
N PRO A 12 7.98 -1.35 -2.39
CA PRO A 12 6.63 -1.23 -2.95
C PRO A 12 5.65 -2.16 -2.24
N CYS A 13 4.38 -1.83 -2.35
CA CYS A 13 3.32 -2.64 -1.72
C CYS A 13 3.34 -4.06 -2.24
N ILE A 14 3.80 -4.99 -1.39
CA ILE A 14 3.87 -6.39 -1.77
C ILE A 14 2.47 -6.94 -2.04
N SER A 15 1.50 -6.52 -1.23
CA SER A 15 0.12 -6.95 -1.39
C SER A 15 -0.60 -6.07 -2.41
N GLY A 16 0.17 -5.40 -3.27
CA GLY A 16 -0.41 -4.55 -4.29
C GLY A 16 -1.35 -5.29 -5.20
N VAL A 17 -1.11 -6.59 -5.35
CA VAL A 17 -1.92 -7.44 -6.21
C VAL A 17 -3.37 -7.52 -5.73
N ILE A 18 -3.58 -7.26 -4.44
CA ILE A 18 -4.93 -7.32 -3.89
C ILE A 18 -5.63 -5.96 -3.98
N GLY A 19 -4.95 -4.97 -4.58
CA GLY A 19 -5.54 -3.66 -4.72
C GLY A 19 -4.79 -2.58 -3.96
N CYS A 20 -3.89 -2.99 -3.09
CA CYS A 20 -3.10 -2.04 -2.30
C CYS A 20 -2.25 -1.17 -3.20
N SER A 21 -2.44 0.12 -3.07
CA SER A 21 -1.70 1.10 -3.86
C SER A 21 -0.85 1.96 -2.95
N CYS A 22 0.35 2.31 -3.39
CA CYS A 22 1.23 3.15 -2.59
C CYS A 22 0.70 4.58 -2.56
N THR A 23 0.24 4.99 -1.39
CA THR A 23 -0.30 6.33 -1.21
C THR A 23 0.52 7.09 -0.17
N ASP A 24 1.36 7.99 -0.67
CA ASP A 24 2.24 8.81 0.18
C ASP A 24 2.97 7.97 1.21
N LYS A 25 3.79 7.05 0.71
CA LYS A 25 4.61 6.14 1.54
C LYS A 25 3.79 5.13 2.33
N VAL A 26 2.47 5.10 2.14
CA VAL A 26 1.63 4.15 2.88
C VAL A 26 0.69 3.40 1.92
N CYS A 27 0.64 2.09 2.03
CA CYS A 27 -0.20 1.29 1.15
C CYS A 27 -1.68 1.34 1.57
N TYR A 28 -2.53 1.72 0.62
CA TYR A 28 -3.98 1.78 0.88
C TYR A 28 -4.71 0.80 -0.02
N LEU A 29 -5.74 0.21 0.52
CA LEU A 29 -6.57 -0.73 -0.20
C LEU A 29 -7.77 0.02 -0.73
N ASN A 30 -7.58 0.66 -1.87
CA ASN A 30 -8.61 1.47 -2.52
C ASN A 30 -9.23 2.49 -1.56
N GLY A 1 -8.46 3.00 -0.33
CA GLY A 1 -9.02 3.62 0.85
C GLY A 1 -8.70 2.84 2.12
N THR A 2 -8.68 1.52 2.04
CA THR A 2 -8.40 0.70 3.22
C THR A 2 -6.91 0.33 3.30
N PRO A 3 -6.17 0.89 4.26
CA PRO A 3 -4.73 0.62 4.43
C PRO A 3 -4.44 -0.87 4.64
N CYS A 4 -3.44 -1.39 3.92
CA CYS A 4 -3.04 -2.80 4.05
C CYS A 4 -2.18 -3.03 5.29
N GLY A 5 -2.21 -2.07 6.21
CA GLY A 5 -1.42 -2.17 7.41
C GLY A 5 0.06 -2.21 7.13
N GLU A 6 0.47 -1.57 6.04
CA GLU A 6 1.87 -1.52 5.64
C GLU A 6 2.14 -0.27 4.82
N SER A 7 3.39 0.14 4.82
CA SER A 7 3.82 1.32 4.11
C SER A 7 4.54 0.96 2.81
N CYS A 8 5.07 1.97 2.16
CA CYS A 8 5.80 1.82 0.91
C CYS A 8 6.84 2.93 0.79
N VAL A 9 7.47 3.25 1.92
CA VAL A 9 8.48 4.30 1.98
C VAL A 9 9.75 3.88 1.25
N TYR A 10 10.08 2.60 1.36
CA TYR A 10 11.27 2.06 0.72
C TYR A 10 10.93 0.91 -0.23
N ILE A 11 10.10 0.01 0.23
CA ILE A 11 9.70 -1.14 -0.57
C ILE A 11 8.29 -0.96 -1.13
N PRO A 12 8.04 -1.51 -2.33
CA PRO A 12 6.73 -1.41 -2.98
C PRO A 12 5.68 -2.22 -2.23
N CYS A 13 4.42 -1.85 -2.41
CA CYS A 13 3.31 -2.54 -1.74
C CYS A 13 3.24 -4.00 -2.15
N ILE A 14 3.59 -4.89 -1.22
CA ILE A 14 3.54 -6.32 -1.47
C ILE A 14 2.10 -6.76 -1.68
N SER A 15 1.20 -6.19 -0.90
CA SER A 15 -0.22 -6.51 -1.00
C SER A 15 -0.88 -5.73 -2.15
N GLY A 16 -0.06 -5.27 -3.10
CA GLY A 16 -0.57 -4.53 -4.24
C GLY A 16 -1.53 -5.35 -5.07
N VAL A 17 -1.32 -6.66 -5.08
CA VAL A 17 -2.17 -7.58 -5.82
C VAL A 17 -3.59 -7.57 -5.27
N ILE A 18 -3.71 -7.18 -4.00
CA ILE A 18 -5.00 -7.11 -3.34
C ILE A 18 -5.72 -5.82 -3.71
N GLY A 19 -4.98 -4.91 -4.31
CA GLY A 19 -5.55 -3.64 -4.71
C GLY A 19 -4.86 -2.47 -4.03
N CYS A 20 -4.01 -2.76 -3.06
CA CYS A 20 -3.30 -1.71 -2.35
C CYS A 20 -2.27 -1.02 -3.22
N SER A 21 -2.36 0.28 -3.26
CA SER A 21 -1.47 1.11 -4.03
C SER A 21 -0.68 2.01 -3.10
N CYS A 22 0.54 2.36 -3.50
CA CYS A 22 1.39 3.21 -2.68
C CYS A 22 0.82 4.63 -2.65
N THR A 23 0.34 5.04 -1.49
CA THR A 23 -0.21 6.36 -1.31
C THR A 23 0.58 7.13 -0.26
N ASP A 24 1.41 8.04 -0.73
CA ASP A 24 2.26 8.86 0.13
C ASP A 24 2.99 8.04 1.19
N LYS A 25 3.77 7.08 0.73
CA LYS A 25 4.57 6.20 1.59
C LYS A 25 3.74 5.18 2.36
N VAL A 26 2.43 5.13 2.15
CA VAL A 26 1.58 4.16 2.86
C VAL A 26 0.68 3.43 1.87
N CYS A 27 0.61 2.10 1.99
CA CYS A 27 -0.20 1.30 1.07
C CYS A 27 -1.68 1.30 1.45
N TYR A 28 -2.52 1.77 0.53
CA TYR A 28 -3.97 1.79 0.76
C TYR A 28 -4.67 0.99 -0.33
N LEU A 29 -5.67 0.26 0.08
CA LEU A 29 -6.49 -0.55 -0.81
C LEU A 29 -7.69 0.29 -1.20
N ASN A 30 -7.46 1.22 -2.12
CA ASN A 30 -8.50 2.14 -2.58
C ASN A 30 -9.20 2.82 -1.41
N GLY A 1 -8.62 3.12 -0.43
CA GLY A 1 -9.00 4.09 0.57
C GLY A 1 -8.72 3.62 1.99
N THR A 2 -8.85 2.31 2.23
CA THR A 2 -8.61 1.76 3.56
C THR A 2 -7.19 1.23 3.68
N PRO A 3 -6.32 1.89 4.47
CA PRO A 3 -4.93 1.48 4.67
C PRO A 3 -4.80 -0.01 5.02
N CYS A 4 -3.93 -0.71 4.30
CA CYS A 4 -3.73 -2.13 4.53
C CYS A 4 -2.60 -2.35 5.53
N GLY A 5 -2.12 -1.26 6.11
CA GLY A 5 -1.01 -1.35 7.05
C GLY A 5 0.31 -1.48 6.32
N GLU A 6 0.24 -2.03 5.13
CA GLU A 6 1.39 -2.24 4.28
C GLU A 6 1.89 -0.88 3.77
N SER A 7 3.18 -0.65 3.90
CA SER A 7 3.76 0.62 3.50
C SER A 7 4.74 0.46 2.34
N CYS A 8 5.04 1.58 1.70
CA CYS A 8 5.95 1.64 0.57
C CYS A 8 6.88 2.84 0.73
N VAL A 9 7.41 3.01 1.94
CA VAL A 9 8.30 4.12 2.25
C VAL A 9 9.65 3.97 1.56
N TYR A 10 10.17 2.76 1.59
CA TYR A 10 11.46 2.45 0.97
C TYR A 10 11.32 1.26 0.03
N ILE A 11 10.67 0.21 0.53
CA ILE A 11 10.45 -0.99 -0.24
C ILE A 11 9.01 -1.05 -0.73
N PRO A 12 8.76 -1.66 -1.89
CA PRO A 12 7.42 -1.77 -2.44
C PRO A 12 6.55 -2.69 -1.60
N CYS A 13 5.25 -2.43 -1.65
CA CYS A 13 4.28 -3.20 -0.89
C CYS A 13 4.25 -4.67 -1.35
N ILE A 14 4.20 -4.86 -2.67
CA ILE A 14 4.17 -6.20 -3.28
C ILE A 14 2.79 -6.85 -3.12
N SER A 15 2.33 -7.00 -1.88
CA SER A 15 1.02 -7.59 -1.61
C SER A 15 -0.09 -6.68 -2.11
N GLY A 16 0.28 -5.41 -2.32
CA GLY A 16 -0.65 -4.40 -2.79
C GLY A 16 -1.41 -4.79 -4.04
N VAL A 17 -0.95 -5.82 -4.72
CA VAL A 17 -1.61 -6.31 -5.93
C VAL A 17 -3.07 -6.71 -5.65
N ILE A 18 -3.36 -6.92 -4.38
CA ILE A 18 -4.71 -7.29 -3.95
C ILE A 18 -5.69 -6.11 -4.03
N GLY A 19 -5.14 -4.93 -4.24
CA GLY A 19 -5.97 -3.74 -4.33
C GLY A 19 -5.32 -2.55 -3.66
N CYS A 20 -4.41 -2.84 -2.75
CA CYS A 20 -3.69 -1.80 -2.03
C CYS A 20 -2.75 -1.04 -2.95
N SER A 21 -2.96 0.26 -3.03
CA SER A 21 -2.15 1.12 -3.87
C SER A 21 -1.24 1.99 -3.01
N CYS A 22 -0.01 2.18 -3.46
CA CYS A 22 0.94 3.00 -2.72
C CYS A 22 0.48 4.45 -2.68
N THR A 23 0.12 4.90 -1.48
CA THR A 23 -0.36 6.25 -1.28
C THR A 23 0.44 6.93 -0.16
N ASP A 24 1.27 7.88 -0.56
CA ASP A 24 2.11 8.64 0.37
C ASP A 24 2.86 7.70 1.33
N LYS A 25 3.67 6.82 0.75
CA LYS A 25 4.50 5.86 1.49
C LYS A 25 3.67 4.75 2.19
N VAL A 26 2.36 4.74 2.00
CA VAL A 26 1.52 3.71 2.63
C VAL A 26 0.49 3.16 1.64
N CYS A 27 0.40 1.85 1.52
CA CYS A 27 -0.57 1.25 0.61
C CYS A 27 -1.98 1.21 1.19
N TYR A 28 -2.92 1.82 0.46
CA TYR A 28 -4.32 1.86 0.86
C TYR A 28 -5.13 0.95 -0.04
N LEU A 29 -6.11 0.29 0.53
CA LEU A 29 -7.00 -0.58 -0.20
C LEU A 29 -8.17 0.25 -0.69
N ASN A 30 -7.95 0.91 -1.81
CA ASN A 30 -8.95 1.78 -2.43
C ASN A 30 -9.45 2.83 -1.43
N GLY A 1 -8.77 3.02 -0.53
CA GLY A 1 -9.23 3.99 0.43
C GLY A 1 -8.95 3.58 1.86
N THR A 2 -9.06 2.28 2.15
CA THR A 2 -8.82 1.80 3.51
C THR A 2 -7.40 1.29 3.68
N PRO A 3 -6.55 1.99 4.46
CA PRO A 3 -5.15 1.60 4.68
C PRO A 3 -4.99 0.13 5.03
N CYS A 4 -4.12 -0.55 4.29
CA CYS A 4 -3.86 -1.97 4.49
C CYS A 4 -2.82 -2.17 5.59
N GLY A 5 -2.23 -1.07 6.03
CA GLY A 5 -1.20 -1.14 7.04
C GLY A 5 0.16 -1.31 6.40
N GLU A 6 0.15 -1.69 5.13
CA GLU A 6 1.37 -1.88 4.36
C GLU A 6 1.99 -0.54 4.03
N SER A 7 3.31 -0.54 3.88
CA SER A 7 4.03 0.67 3.56
C SER A 7 4.95 0.51 2.37
N CYS A 8 5.14 1.61 1.68
CA CYS A 8 6.00 1.65 0.51
C CYS A 8 7.02 2.77 0.65
N VAL A 9 7.61 2.85 1.84
CA VAL A 9 8.59 3.88 2.14
C VAL A 9 9.93 3.59 1.48
N TYR A 10 10.37 2.35 1.61
CA TYR A 10 11.64 1.91 1.04
C TYR A 10 11.43 1.15 -0.25
N ILE A 11 10.53 0.17 -0.19
CA ILE A 11 10.22 -0.66 -1.34
C ILE A 11 8.70 -0.76 -1.51
N PRO A 12 8.22 -1.23 -2.68
CA PRO A 12 6.80 -1.37 -2.92
C PRO A 12 6.16 -2.38 -1.98
N CYS A 13 4.87 -2.22 -1.75
CA CYS A 13 4.12 -3.09 -0.86
C CYS A 13 4.10 -4.53 -1.35
N ILE A 14 4.24 -5.45 -0.42
CA ILE A 14 4.21 -6.87 -0.74
C ILE A 14 2.81 -7.26 -1.19
N SER A 15 2.74 -7.83 -2.39
CA SER A 15 1.49 -8.25 -3.01
C SER A 15 0.42 -7.15 -3.01
N GLY A 16 0.84 -5.89 -3.10
CA GLY A 16 -0.10 -4.77 -3.13
C GLY A 16 -1.12 -4.90 -4.24
N VAL A 17 -0.85 -5.80 -5.19
CA VAL A 17 -1.74 -6.06 -6.33
C VAL A 17 -3.14 -6.45 -5.86
N ILE A 18 -3.25 -6.83 -4.59
CA ILE A 18 -4.53 -7.21 -4.00
C ILE A 18 -5.55 -6.09 -4.16
N GLY A 19 -5.03 -4.88 -4.16
CA GLY A 19 -5.86 -3.71 -4.30
C GLY A 19 -5.21 -2.55 -3.59
N CYS A 20 -4.27 -2.87 -2.71
CA CYS A 20 -3.57 -1.85 -1.96
C CYS A 20 -2.66 -1.04 -2.88
N SER A 21 -2.91 0.25 -2.93
CA SER A 21 -2.14 1.15 -3.75
C SER A 21 -1.24 2.02 -2.89
N CYS A 22 -0.02 2.24 -3.34
CA CYS A 22 0.92 3.06 -2.59
C CYS A 22 0.44 4.51 -2.53
N THR A 23 0.19 4.98 -1.33
CA THR A 23 -0.28 6.34 -1.13
C THR A 23 0.53 7.02 -0.03
N ASP A 24 1.40 7.93 -0.43
CA ASP A 24 2.25 8.67 0.49
C ASP A 24 2.96 7.75 1.49
N LYS A 25 3.72 6.80 0.95
CA LYS A 25 4.51 5.85 1.74
C LYS A 25 3.66 4.74 2.38
N VAL A 26 2.34 4.80 2.27
CA VAL A 26 1.49 3.76 2.86
C VAL A 26 0.43 3.29 1.86
N CYS A 27 0.28 1.99 1.73
CA CYS A 27 -0.68 1.42 0.80
C CYS A 27 -2.10 1.39 1.35
N TYR A 28 -3.03 1.91 0.55
CA TYR A 28 -4.44 1.94 0.91
C TYR A 28 -5.21 0.97 0.03
N LEU A 29 -6.20 0.33 0.60
CA LEU A 29 -7.05 -0.60 -0.11
C LEU A 29 -8.22 0.17 -0.68
N ASN A 30 -7.96 0.81 -1.83
CA ASN A 30 -8.95 1.64 -2.52
C ASN A 30 -9.52 2.69 -1.58
N GLY A 1 -8.55 2.79 -0.67
CA GLY A 1 -8.99 3.77 0.29
C GLY A 1 -8.62 3.40 1.73
N THR A 2 -8.65 2.11 2.05
CA THR A 2 -8.33 1.67 3.40
C THR A 2 -6.91 1.14 3.51
N PRO A 3 -6.05 1.77 4.34
CA PRO A 3 -4.65 1.36 4.51
C PRO A 3 -4.51 -0.14 4.76
N CYS A 4 -3.55 -0.76 4.07
CA CYS A 4 -3.31 -2.19 4.20
C CYS A 4 -2.45 -2.52 5.40
N GLY A 5 -2.38 -1.58 6.35
CA GLY A 5 -1.59 -1.77 7.55
C GLY A 5 -0.11 -1.90 7.27
N GLU A 6 0.34 -1.27 6.19
CA GLU A 6 1.75 -1.31 5.81
C GLU A 6 2.10 -0.09 4.96
N SER A 7 3.36 0.29 5.01
CA SER A 7 3.85 1.43 4.29
C SER A 7 4.57 1.03 3.00
N CYS A 8 5.09 2.03 2.30
CA CYS A 8 5.83 1.83 1.06
C CYS A 8 6.84 2.96 0.90
N VAL A 9 7.56 3.25 1.98
CA VAL A 9 8.55 4.31 2.00
C VAL A 9 9.73 3.99 1.08
N TYR A 10 10.13 2.74 1.08
CA TYR A 10 11.24 2.29 0.25
C TYR A 10 10.84 1.07 -0.56
N ILE A 11 10.23 0.10 0.09
CA ILE A 11 9.78 -1.11 -0.58
C ILE A 11 8.26 -1.11 -0.73
N PRO A 12 7.76 -1.25 -1.97
CA PRO A 12 6.33 -1.26 -2.23
C PRO A 12 5.70 -2.57 -1.78
N CYS A 13 4.42 -2.51 -1.46
CA CYS A 13 3.69 -3.68 -1.02
C CYS A 13 3.55 -4.70 -2.14
N ILE A 14 4.14 -5.88 -1.92
CA ILE A 14 4.10 -6.96 -2.90
C ILE A 14 2.67 -7.41 -3.14
N SER A 15 1.89 -7.48 -2.06
CA SER A 15 0.49 -7.90 -2.13
C SER A 15 -0.40 -6.78 -2.70
N GLY A 16 0.22 -5.83 -3.40
CA GLY A 16 -0.52 -4.72 -3.99
C GLY A 16 -1.59 -5.18 -4.96
N VAL A 17 -1.44 -6.40 -5.46
CA VAL A 17 -2.38 -6.98 -6.41
C VAL A 17 -3.78 -7.12 -5.81
N ILE A 18 -3.87 -7.09 -4.48
CA ILE A 18 -5.16 -7.22 -3.81
C ILE A 18 -5.88 -5.87 -3.73
N GLY A 19 -5.27 -4.84 -4.30
CA GLY A 19 -5.87 -3.51 -4.28
C GLY A 19 -4.98 -2.49 -3.62
N CYS A 20 -3.99 -2.96 -2.87
CA CYS A 20 -3.07 -2.09 -2.18
C CYS A 20 -2.21 -1.30 -3.16
N SER A 21 -2.26 0.00 -3.01
CA SER A 21 -1.50 0.91 -3.85
C SER A 21 -0.71 1.87 -2.97
N CYS A 22 0.49 2.20 -3.39
CA CYS A 22 1.33 3.10 -2.62
C CYS A 22 0.82 4.52 -2.73
N THR A 23 0.56 5.15 -1.59
CA THR A 23 0.06 6.51 -1.55
C THR A 23 0.53 7.18 -0.27
N ASP A 24 1.21 8.32 -0.42
CA ASP A 24 1.74 9.07 0.72
C ASP A 24 2.55 8.16 1.64
N LYS A 25 3.54 7.49 1.06
CA LYS A 25 4.46 6.59 1.76
C LYS A 25 3.76 5.40 2.45
N VAL A 26 2.46 5.24 2.24
CA VAL A 26 1.73 4.11 2.85
C VAL A 26 0.80 3.43 1.84
N CYS A 27 0.66 2.12 1.95
CA CYS A 27 -0.20 1.37 1.03
C CYS A 27 -1.67 1.43 1.42
N TYR A 28 -2.51 1.85 0.47
CA TYR A 28 -3.95 1.91 0.69
C TYR A 28 -4.64 0.87 -0.17
N LEU A 29 -5.68 0.27 0.38
CA LEU A 29 -6.45 -0.72 -0.33
C LEU A 29 -7.75 -0.08 -0.76
N ASN A 30 -7.71 0.52 -1.94
CA ASN A 30 -8.86 1.23 -2.50
C ASN A 30 -9.43 2.25 -1.51
N GLY A 1 -8.49 2.86 -0.52
CA GLY A 1 -8.92 3.79 0.49
C GLY A 1 -8.57 3.34 1.90
N THR A 2 -8.64 2.03 2.17
CA THR A 2 -8.34 1.55 3.52
C THR A 2 -6.92 0.97 3.61
N PRO A 3 -6.07 1.54 4.47
CA PRO A 3 -4.68 1.09 4.64
C PRO A 3 -4.56 -0.41 4.86
N CYS A 4 -3.66 -1.04 4.12
CA CYS A 4 -3.46 -2.49 4.20
C CYS A 4 -2.39 -2.85 5.23
N GLY A 5 -2.16 -1.96 6.19
CA GLY A 5 -1.17 -2.21 7.21
C GLY A 5 0.23 -2.40 6.63
N GLU A 6 0.51 -1.67 5.57
CA GLU A 6 1.79 -1.73 4.89
C GLU A 6 2.14 -0.35 4.35
N SER A 7 3.44 -0.08 4.20
CA SER A 7 3.87 1.20 3.71
C SER A 7 4.96 1.05 2.65
N CYS A 8 5.00 2.00 1.74
CA CYS A 8 5.97 2.01 0.66
C CYS A 8 7.10 2.97 0.99
N VAL A 9 7.66 2.79 2.17
CA VAL A 9 8.75 3.63 2.65
C VAL A 9 10.00 3.48 1.78
N TYR A 10 10.27 2.25 1.37
CA TYR A 10 11.43 1.96 0.53
C TYR A 10 11.09 0.89 -0.50
N ILE A 11 10.37 -0.13 -0.05
CA ILE A 11 9.99 -1.23 -0.92
C ILE A 11 8.52 -1.11 -1.33
N PRO A 12 8.16 -1.65 -2.50
CA PRO A 12 6.79 -1.61 -3.00
C PRO A 12 5.86 -2.48 -2.17
N CYS A 13 4.59 -2.13 -2.18
CA CYS A 13 3.57 -2.84 -1.43
C CYS A 13 3.41 -4.28 -1.94
N ILE A 14 3.61 -5.25 -1.05
CA ILE A 14 3.44 -6.65 -1.41
C ILE A 14 1.95 -6.95 -1.55
N SER A 15 1.15 -6.19 -0.80
CA SER A 15 -0.29 -6.35 -0.83
C SER A 15 -0.87 -5.65 -2.06
N GLY A 16 0.01 -5.10 -2.90
CA GLY A 16 -0.42 -4.41 -4.11
C GLY A 16 -1.25 -5.29 -5.02
N VAL A 17 -0.94 -6.58 -5.02
CA VAL A 17 -1.66 -7.55 -5.83
C VAL A 17 -3.13 -7.61 -5.43
N ILE A 18 -3.38 -7.30 -4.17
CA ILE A 18 -4.73 -7.30 -3.62
C ILE A 18 -5.49 -6.05 -4.05
N GLY A 19 -4.74 -5.05 -4.47
CA GLY A 19 -5.34 -3.80 -4.91
C GLY A 19 -4.76 -2.62 -4.18
N CYS A 20 -3.95 -2.90 -3.16
CA CYS A 20 -3.33 -1.85 -2.37
C CYS A 20 -2.38 -1.01 -3.22
N SER A 21 -2.61 0.28 -3.20
CA SER A 21 -1.81 1.23 -3.97
C SER A 21 -1.00 2.10 -3.03
N CYS A 22 0.19 2.50 -3.47
CA CYS A 22 1.05 3.35 -2.66
C CYS A 22 0.53 4.79 -2.68
N THR A 23 0.27 5.32 -1.50
CA THR A 23 -0.23 6.67 -1.36
C THR A 23 0.35 7.29 -0.09
N ASP A 24 1.04 8.41 -0.24
CA ASP A 24 1.66 9.11 0.88
C ASP A 24 2.56 8.17 1.67
N LYS A 25 3.33 7.39 0.92
CA LYS A 25 4.27 6.41 1.48
C LYS A 25 3.55 5.27 2.24
N VAL A 26 2.23 5.19 2.10
CA VAL A 26 1.45 4.15 2.77
C VAL A 26 0.58 3.41 1.76
N CYS A 27 0.49 2.10 1.90
CA CYS A 27 -0.30 1.30 0.98
C CYS A 27 -1.78 1.30 1.40
N TYR A 28 -2.64 1.73 0.49
CA TYR A 28 -4.08 1.78 0.77
C TYR A 28 -4.84 0.84 -0.16
N LEU A 29 -5.81 0.17 0.40
CA LEU A 29 -6.67 -0.72 -0.35
C LEU A 29 -7.86 0.07 -0.84
N ASN A 30 -7.66 0.74 -1.96
CA ASN A 30 -8.68 1.59 -2.58
C ASN A 30 -9.24 2.59 -1.58
N GLY A 1 -8.82 3.12 -0.43
CA GLY A 1 -9.32 4.04 0.57
C GLY A 1 -9.00 3.60 1.99
N THR A 2 -9.03 2.29 2.25
CA THR A 2 -8.75 1.79 3.60
C THR A 2 -7.31 1.27 3.70
N PRO A 3 -6.44 1.94 4.47
CA PRO A 3 -5.04 1.53 4.65
C PRO A 3 -4.90 0.04 4.99
N CYS A 4 -4.04 -0.65 4.25
CA CYS A 4 -3.81 -2.08 4.46
C CYS A 4 -2.82 -2.33 5.59
N GLY A 5 -2.52 -1.27 6.34
CA GLY A 5 -1.59 -1.39 7.45
C GLY A 5 -0.18 -1.71 6.98
N GLU A 6 0.15 -1.28 5.77
CA GLU A 6 1.47 -1.52 5.22
C GLU A 6 2.00 -0.24 4.58
N SER A 7 3.31 -0.14 4.50
CA SER A 7 3.95 1.04 3.94
C SER A 7 4.88 0.70 2.80
N CYS A 8 5.07 1.68 1.94
CA CYS A 8 5.93 1.56 0.77
C CYS A 8 6.94 2.71 0.75
N VAL A 9 7.54 2.97 1.90
CA VAL A 9 8.50 4.05 2.05
C VAL A 9 9.80 3.76 1.31
N TYR A 10 10.33 2.58 1.53
CA TYR A 10 11.59 2.17 0.90
C TYR A 10 11.34 1.25 -0.29
N ILE A 11 10.50 0.26 -0.09
CA ILE A 11 10.18 -0.70 -1.14
C ILE A 11 8.68 -0.80 -1.33
N PRO A 12 8.22 -1.20 -2.53
CA PRO A 12 6.79 -1.33 -2.82
C PRO A 12 6.15 -2.44 -1.98
N CYS A 13 4.85 -2.31 -1.77
CA CYS A 13 4.10 -3.28 -0.99
C CYS A 13 4.03 -4.64 -1.68
N ILE A 14 4.38 -5.67 -0.94
CA ILE A 14 4.36 -7.03 -1.46
C ILE A 14 2.92 -7.50 -1.61
N SER A 15 2.59 -7.96 -2.81
CA SER A 15 1.25 -8.45 -3.13
C SER A 15 0.21 -7.32 -3.12
N GLY A 16 0.69 -6.07 -3.13
CA GLY A 16 -0.22 -4.92 -3.12
C GLY A 16 -1.19 -4.95 -4.29
N VAL A 17 -0.89 -5.78 -5.29
CA VAL A 17 -1.73 -5.93 -6.48
C VAL A 17 -3.16 -6.33 -6.10
N ILE A 18 -3.31 -6.82 -4.88
CA ILE A 18 -4.62 -7.22 -4.36
C ILE A 18 -5.61 -6.06 -4.40
N GLY A 19 -5.08 -4.87 -4.28
CA GLY A 19 -5.89 -3.67 -4.30
C GLY A 19 -5.20 -2.55 -3.60
N CYS A 20 -4.28 -2.90 -2.72
CA CYS A 20 -3.53 -1.92 -1.97
C CYS A 20 -2.61 -1.12 -2.88
N SER A 21 -2.80 0.17 -2.90
CA SER A 21 -2.02 1.06 -3.73
C SER A 21 -1.12 1.93 -2.87
N CYS A 22 0.11 2.14 -3.33
CA CYS A 22 1.06 2.96 -2.60
C CYS A 22 0.60 4.42 -2.59
N THR A 23 0.18 4.88 -1.43
CA THR A 23 -0.29 6.24 -1.28
C THR A 23 0.55 6.98 -0.26
N ASP A 24 1.44 7.84 -0.77
CA ASP A 24 2.35 8.63 0.06
C ASP A 24 3.04 7.76 1.12
N LYS A 25 3.81 6.80 0.65
CA LYS A 25 4.58 5.88 1.50
C LYS A 25 3.71 4.87 2.25
N VAL A 26 2.39 4.92 2.09
CA VAL A 26 1.51 3.98 2.79
C VAL A 26 0.50 3.37 1.83
N CYS A 27 0.40 2.05 1.79
CA CYS A 27 -0.54 1.40 0.88
C CYS A 27 -1.97 1.39 1.42
N TYR A 28 -2.90 1.86 0.59
CA TYR A 28 -4.31 1.91 0.94
C TYR A 28 -5.09 0.97 0.05
N LEU A 29 -6.10 0.35 0.62
CA LEU A 29 -6.98 -0.55 -0.10
C LEU A 29 -8.15 0.24 -0.62
N ASN A 30 -7.93 0.91 -1.76
CA ASN A 30 -8.94 1.74 -2.41
C ASN A 30 -9.59 2.70 -1.41
N GLY A 1 -8.74 2.87 -0.31
CA GLY A 1 -9.20 3.72 0.77
C GLY A 1 -8.83 3.19 2.14
N THR A 2 -8.81 1.87 2.31
CA THR A 2 -8.48 1.29 3.60
C THR A 2 -7.02 0.85 3.66
N PRO A 3 -6.20 1.52 4.49
CA PRO A 3 -4.77 1.18 4.63
C PRO A 3 -4.53 -0.30 4.87
N CYS A 4 -3.61 -0.88 4.11
CA CYS A 4 -3.30 -2.30 4.24
C CYS A 4 -2.28 -2.56 5.35
N GLY A 5 -2.14 -1.59 6.25
CA GLY A 5 -1.20 -1.72 7.35
C GLY A 5 0.23 -1.90 6.88
N GLU A 6 0.56 -1.29 5.75
CA GLU A 6 1.90 -1.39 5.19
C GLU A 6 2.20 -0.16 4.36
N SER A 7 3.48 0.18 4.27
CA SER A 7 3.92 1.35 3.53
C SER A 7 5.10 1.03 2.63
N CYS A 8 5.13 1.71 1.49
CA CYS A 8 6.19 1.55 0.52
C CYS A 8 7.18 2.70 0.62
N VAL A 9 7.57 3.02 1.84
CA VAL A 9 8.51 4.11 2.09
C VAL A 9 9.91 3.74 1.64
N TYR A 10 10.25 2.46 1.81
CA TYR A 10 11.56 1.96 1.41
C TYR A 10 11.42 0.72 0.55
N ILE A 11 10.64 -0.24 1.03
CA ILE A 11 10.41 -1.48 0.31
C ILE A 11 9.03 -1.49 -0.31
N PRO A 12 8.85 -2.20 -1.44
CA PRO A 12 7.56 -2.28 -2.12
C PRO A 12 6.57 -3.11 -1.32
N CYS A 13 5.31 -2.78 -1.47
CA CYS A 13 4.24 -3.48 -0.76
C CYS A 13 4.05 -4.89 -1.28
N ILE A 14 4.15 -5.07 -2.61
CA ILE A 14 3.98 -6.37 -3.26
C ILE A 14 2.51 -6.83 -3.23
N SER A 15 1.87 -6.67 -2.08
CA SER A 15 0.47 -7.05 -1.90
C SER A 15 -0.47 -6.08 -2.64
N GLY A 16 0.10 -5.24 -3.47
CA GLY A 16 -0.67 -4.28 -4.24
C GLY A 16 -1.73 -4.94 -5.11
N VAL A 17 -1.49 -6.19 -5.49
CA VAL A 17 -2.42 -6.94 -6.33
C VAL A 17 -3.78 -7.13 -5.66
N ILE A 18 -3.79 -7.00 -4.34
CA ILE A 18 -5.02 -7.13 -3.56
C ILE A 18 -5.86 -5.86 -3.65
N GLY A 19 -5.23 -4.80 -4.14
CA GLY A 19 -5.91 -3.53 -4.27
C GLY A 19 -5.10 -2.44 -3.62
N CYS A 20 -4.14 -2.85 -2.81
CA CYS A 20 -3.27 -1.90 -2.11
C CYS A 20 -2.46 -1.08 -3.10
N SER A 21 -2.55 0.22 -2.96
CA SER A 21 -1.83 1.14 -3.83
C SER A 21 -1.07 2.16 -3.01
N CYS A 22 0.14 2.49 -3.44
CA CYS A 22 0.96 3.44 -2.72
C CYS A 22 0.31 4.82 -2.71
N THR A 23 -0.12 5.22 -1.51
CA THR A 23 -0.75 6.51 -1.30
C THR A 23 0.02 7.25 -0.23
N ASP A 24 0.76 8.27 -0.64
CA ASP A 24 1.58 9.06 0.28
C ASP A 24 2.52 8.14 1.06
N LYS A 25 3.23 7.30 0.32
CA LYS A 25 4.19 6.34 0.87
C LYS A 25 3.52 5.17 1.62
N VAL A 26 2.21 5.24 1.83
CA VAL A 26 1.51 4.17 2.55
C VAL A 26 0.53 3.47 1.62
N CYS A 27 0.53 2.14 1.59
CA CYS A 27 -0.37 1.41 0.72
C CYS A 27 -1.79 1.33 1.27
N TYR A 28 -2.73 1.87 0.50
CA TYR A 28 -4.13 1.85 0.86
C TYR A 28 -4.88 0.91 -0.07
N LEU A 29 -5.86 0.22 0.46
CA LEU A 29 -6.67 -0.70 -0.32
C LEU A 29 -7.94 0.02 -0.69
N ASN A 30 -7.86 0.75 -1.79
CA ASN A 30 -8.98 1.54 -2.30
C ASN A 30 -9.59 2.42 -1.22
#